data_7M0C
#
_entry.id   7M0C
#
_cell.length_a   56.205
_cell.length_b   60.023
_cell.length_c   139.824
_cell.angle_alpha   90.000
_cell.angle_beta   90.000
_cell.angle_gamma   90.000
#
_symmetry.space_group_name_H-M   'P 21 21 21'
#
loop_
_entity.id
_entity.type
_entity.pdbx_description
1 polymer 'DNA polymerase lambda'
2 polymer "DNA (5'-D(*CP*GP*GP*CP*AP*G)-3')"
3 polymer "DNA (5'-D(*TP*AP*CP*TP*G)-3')"
4 polymer "DNA (5'-D(*CP*AP*GP*TP*GP*CP*T)-3')"
5 polymer "DNA (5'-D(P*GP*CP*CP*G)-3')"
6 non-polymer 'MAGNESIUM ION'
7 non-polymer 'SODIUM ION'
8 non-polymer 'CHLORIDE ION'
9 non-polymer PYROPHOSPHATE
10 non-polymer 'SULFATE ION'
11 non-polymer 1,2-ETHANEDIOL
12 water water
#
loop_
_entity_poly.entity_id
_entity_poly.type
_entity_poly.pdbx_seq_one_letter_code
_entity_poly.pdbx_strand_id
1 'polypeptide(L)'
;GSAAAVLDKWVCAQPSSQKATNHNLHITEKLEVLAKAYSVQGDKWRALGYAKAINALKSFHKPVTSYQEACSIPGIGKRM
AEKIIEILESGHLRKLDHISESVPVLELFSNIWGAGTKTAQMWYQQGFRSLEDIRSQASLTTQQAIGLKHYSDFLERMPR
EEATEIEQTVQKAAQAFNSGLLCVACGSYRRGKATCGDVDVLITHPDGRSHRGIFSRLLDSLRQEGFLTDDLVSQEENGQ
QQKYLGVCRLPGPGRRHRRLDIIVVPYSEFACALLYFTGSAHFNRSMRALAKTKGMSLSEHALSTAVVRNTHGCKVGPGR
VLPTPTEKDVFRLLGLPYREPAERDW
;
A
2 'polydeoxyribonucleotide' (DC)(DG)(DG)(DC)(DA)(DG) T
3 'polydeoxyribonucleotide' (DT)(DA)(DC)(DT)(DG) U
4 'polydeoxyribonucleotide' (DC)(DA)(DG)(DT)(DG)(DC)(DT) P
5 'polydeoxyribonucleotide' (DG)(DC)(DC)(DG) D
#
loop_
_chem_comp.id
_chem_comp.type
_chem_comp.name
_chem_comp.formula
CL non-polymer 'CHLORIDE ION' 'Cl -1'
DA DNA linking 2'-DEOXYADENOSINE-5'-MONOPHOSPHATE 'C10 H14 N5 O6 P'
DC DNA linking 2'-DEOXYCYTIDINE-5'-MONOPHOSPHATE 'C9 H14 N3 O7 P'
DG DNA linking 2'-DEOXYGUANOSINE-5'-MONOPHOSPHATE 'C10 H14 N5 O7 P'
DT DNA linking THYMIDINE-5'-MONOPHOSPHATE 'C10 H15 N2 O8 P'
EDO non-polymer 1,2-ETHANEDIOL 'C2 H6 O2'
MG non-polymer 'MAGNESIUM ION' 'Mg 2'
NA non-polymer 'SODIUM ION' 'Na 1'
PPV non-polymer PYROPHOSPHATE 'H4 O7 P2'
SO4 non-polymer 'SULFATE ION' 'O4 S -2'
#
# COMPACT_ATOMS: atom_id res chain seq x y z
N LEU A 7 -3.07 -7.29 -23.52
CA LEU A 7 -3.15 -6.92 -22.12
C LEU A 7 -3.40 -5.42 -21.97
N ASP A 8 -4.45 -4.95 -22.62
CA ASP A 8 -4.95 -3.60 -22.41
C ASP A 8 -5.90 -3.55 -21.22
N LYS A 9 -6.36 -4.70 -20.75
CA LYS A 9 -7.29 -4.74 -19.64
C LYS A 9 -6.62 -4.84 -18.28
N TRP A 10 -5.29 -4.93 -18.22
CA TRP A 10 -4.54 -5.07 -16.98
C TRP A 10 -3.60 -3.88 -16.82
N VAL A 11 -3.53 -3.34 -15.60
CA VAL A 11 -2.62 -2.23 -15.37
C VAL A 11 -1.18 -2.73 -15.18
N CYS A 12 -1.01 -3.95 -14.66
CA CYS A 12 0.32 -4.53 -14.54
C CYS A 12 0.97 -4.76 -15.89
N ALA A 13 0.22 -4.66 -16.98
CA ALA A 13 0.76 -4.82 -18.32
C ALA A 13 1.18 -3.49 -18.94
N GLN A 14 0.97 -2.38 -18.26
CA GLN A 14 1.18 -1.05 -18.81
C GLN A 14 2.07 -0.24 -17.87
N PRO A 15 2.72 0.81 -18.38
CA PRO A 15 3.50 1.69 -17.52
C PRO A 15 2.62 2.69 -16.78
N SER A 16 2.88 2.87 -15.48
CA SER A 16 2.10 3.82 -14.70
C SER A 16 2.30 5.26 -15.14
N SER A 17 3.39 5.55 -15.85
CA SER A 17 3.63 6.91 -16.34
C SER A 17 2.55 7.39 -17.30
N GLN A 18 1.70 6.50 -17.81
CA GLN A 18 0.57 6.94 -18.62
C GLN A 18 -0.32 7.93 -17.87
N LYS A 19 -0.41 7.80 -16.55
CA LYS A 19 -1.24 8.71 -15.76
C LYS A 19 -0.64 10.10 -15.62
N ALA A 20 0.60 10.30 -16.10
CA ALA A 20 1.25 11.59 -15.93
C ALA A 20 0.54 12.70 -16.69
N THR A 21 -0.01 12.39 -17.87
CA THR A 21 -0.78 13.33 -18.68
C THR A 21 -2.24 12.96 -18.57
N ASN A 22 -2.88 13.39 -17.48
CA ASN A 22 -4.27 13.08 -17.21
C ASN A 22 -5.15 14.12 -17.86
N HIS A 23 -5.86 13.71 -18.91
CA HIS A 23 -6.75 14.59 -19.64
C HIS A 23 -8.19 14.56 -19.12
N ASN A 24 -8.37 14.30 -17.82
CA ASN A 24 -9.72 14.19 -17.30
C ASN A 24 -9.80 14.56 -15.81
N LEU A 25 -8.84 15.36 -15.32
CA LEU A 25 -8.82 15.76 -13.90
C LEU A 25 -10.19 16.23 -13.43
N HIS A 26 -10.88 17.08 -14.22
CA HIS A 26 -12.18 17.57 -13.76
C HIS A 26 -13.17 16.43 -13.54
N ILE A 27 -12.98 15.27 -14.17
CA ILE A 27 -13.82 14.11 -13.92
C ILE A 27 -13.28 13.30 -12.74
N THR A 28 -11.99 12.95 -12.80
CA THR A 28 -11.44 12.08 -11.78
C THR A 28 -11.41 12.76 -10.41
N GLU A 29 -11.24 14.09 -10.38
CA GLU A 29 -11.20 14.79 -9.09
C GLU A 29 -12.51 14.65 -8.34
N LYS A 30 -13.63 14.52 -9.05
CA LYS A 30 -14.92 14.33 -8.43
C LYS A 30 -15.20 12.88 -8.11
N LEU A 31 -14.77 11.96 -8.98
CA LEU A 31 -14.94 10.54 -8.69
C LEU A 31 -14.13 10.12 -7.47
N GLU A 32 -12.95 10.72 -7.28
CA GLU A 32 -12.14 10.40 -6.11
C GLU A 32 -12.90 10.70 -4.83
N VAL A 33 -13.69 11.77 -4.81
CA VAL A 33 -14.48 12.11 -3.64
C VAL A 33 -15.53 11.05 -3.36
N LEU A 34 -16.21 10.57 -4.41
CA LEU A 34 -17.19 9.51 -4.21
C LEU A 34 -16.51 8.22 -3.77
N ALA A 35 -15.35 7.92 -4.35
CA ALA A 35 -14.66 6.68 -3.99
C ALA A 35 -14.24 6.69 -2.53
N LYS A 36 -13.84 7.85 -2.01
CA LYS A 36 -13.41 7.94 -0.62
C LYS A 36 -14.60 7.77 0.33
N ALA A 37 -15.76 8.29 -0.05
CA ALA A 37 -16.94 8.14 0.78
C ALA A 37 -17.34 6.68 0.89
N TYR A 38 -17.36 5.98 -0.25
CA TYR A 38 -17.67 4.55 -0.23
C TYR A 38 -16.62 3.79 0.59
N SER A 39 -15.36 4.19 0.50
CA SER A 39 -14.31 3.47 1.18
C SER A 39 -14.45 3.60 2.70
N VAL A 40 -14.56 4.82 3.21
CA VAL A 40 -14.69 4.99 4.66
C VAL A 40 -16.03 4.48 5.18
N GLN A 41 -17.03 4.34 4.31
CA GLN A 41 -18.33 3.82 4.71
C GLN A 41 -18.40 2.30 4.65
N GLY A 42 -17.37 1.64 4.14
CA GLY A 42 -17.30 0.19 4.15
C GLY A 42 -17.71 -0.49 2.86
N ASP A 43 -18.10 0.26 1.83
CA ASP A 43 -18.48 -0.34 0.55
C ASP A 43 -17.19 -0.65 -0.22
N LYS A 44 -16.51 -1.71 0.25
CA LYS A 44 -15.16 -2.02 -0.21
C LYS A 44 -15.12 -2.24 -1.72
N TRP A 45 -16.13 -2.93 -2.26
CA TRP A 45 -16.07 -3.31 -3.66
C TRP A 45 -16.46 -2.17 -4.58
N ARG A 46 -17.53 -1.43 -4.24
CA ARG A 46 -17.89 -0.26 -5.03
C ARG A 46 -16.73 0.71 -5.11
N ALA A 47 -16.03 0.92 -3.99
CA ALA A 47 -14.85 1.77 -4.02
C ALA A 47 -13.76 1.20 -4.91
N LEU A 48 -13.59 -0.11 -4.90
CA LEU A 48 -12.59 -0.73 -5.77
C LEU A 48 -12.89 -0.43 -7.24
N GLY A 49 -14.15 -0.63 -7.66
CA GLY A 49 -14.52 -0.28 -9.01
C GLY A 49 -14.22 1.17 -9.35
N TYR A 50 -14.57 2.08 -8.43
CA TYR A 50 -14.24 3.50 -8.62
C TYR A 50 -12.73 3.69 -8.77
N ALA A 51 -11.95 2.97 -7.96
CA ALA A 51 -10.49 3.09 -8.07
C ALA A 51 -10.03 2.71 -9.47
N LYS A 52 -10.55 1.62 -10.01
CA LYS A 52 -10.11 1.16 -11.32
C LYS A 52 -10.57 2.08 -12.43
N ALA A 53 -11.73 2.73 -12.25
CA ALA A 53 -12.21 3.68 -13.26
C ALA A 53 -11.39 4.96 -13.23
N ILE A 54 -10.96 5.38 -12.05
CA ILE A 54 -10.15 6.60 -11.93
C ILE A 54 -8.78 6.39 -12.56
N ASN A 55 -8.22 5.17 -12.42
CA ASN A 55 -6.96 4.87 -13.07
C ASN A 55 -7.13 4.74 -14.57
N ALA A 56 -8.22 4.10 -15.02
CA ALA A 56 -8.50 4.03 -16.45
C ALA A 56 -8.65 5.43 -17.03
N LEU A 57 -9.43 6.28 -16.35
CA LEU A 57 -9.59 7.65 -16.84
C LEU A 57 -8.28 8.42 -16.78
N LYS A 58 -7.49 8.23 -15.71
CA LYS A 58 -6.22 8.93 -15.60
C LYS A 58 -5.26 8.53 -16.70
N SER A 59 -5.40 7.31 -17.24
CA SER A 59 -4.46 6.78 -18.22
C SER A 59 -4.97 6.93 -19.65
N PHE A 60 -6.23 7.32 -19.85
CA PHE A 60 -6.76 7.47 -21.20
C PHE A 60 -6.01 8.56 -21.95
N HIS A 61 -5.88 8.37 -23.27
CA HIS A 61 -5.00 9.22 -24.06
C HIS A 61 -5.59 10.60 -24.33
N LYS A 62 -6.91 10.71 -24.46
CA LYS A 62 -7.53 11.99 -24.77
C LYS A 62 -8.56 12.37 -23.71
N PRO A 63 -9.01 13.62 -23.68
CA PRO A 63 -10.20 13.95 -22.89
C PRO A 63 -11.40 13.21 -23.41
N VAL A 64 -12.16 12.60 -22.51
CA VAL A 64 -13.33 11.82 -22.90
C VAL A 64 -14.45 12.78 -23.25
N THR A 65 -15.22 12.42 -24.28
CA THR A 65 -16.25 13.33 -24.81
C THR A 65 -17.57 12.65 -25.13
N SER A 66 -17.67 11.32 -25.05
CA SER A 66 -18.82 10.62 -25.60
C SER A 66 -19.21 9.44 -24.72
N TYR A 67 -20.52 9.24 -24.57
CA TYR A 67 -21.01 8.08 -23.82
C TYR A 67 -20.51 6.78 -24.43
N GLN A 68 -20.51 6.69 -25.76
CA GLN A 68 -19.99 5.48 -26.42
C GLN A 68 -18.49 5.34 -26.20
N GLU A 69 -17.74 6.42 -26.42
CA GLU A 69 -16.31 6.41 -26.18
C GLU A 69 -15.98 5.92 -24.77
N ALA A 70 -16.80 6.32 -23.80
CA ALA A 70 -16.48 6.02 -22.40
C ALA A 70 -16.71 4.54 -22.10
N CYS A 71 -17.86 4.00 -22.53
CA CYS A 71 -18.18 2.61 -22.24
C CYS A 71 -17.12 1.67 -22.80
N SER A 72 -16.48 2.04 -23.90
CA SER A 72 -15.48 1.18 -24.52
C SER A 72 -14.26 0.99 -23.64
N ILE A 73 -14.00 1.90 -22.72
CA ILE A 73 -12.79 1.85 -21.89
C ILE A 73 -12.95 0.74 -20.85
N PRO A 74 -12.06 -0.25 -20.80
CA PRO A 74 -12.12 -1.21 -19.69
C PRO A 74 -11.98 -0.50 -18.36
N GLY A 75 -12.82 -0.89 -17.41
CA GLY A 75 -12.92 -0.19 -16.14
C GLY A 75 -14.03 0.83 -16.08
N ILE A 76 -14.79 0.99 -17.16
CA ILE A 76 -15.92 1.93 -17.20
C ILE A 76 -17.09 1.23 -17.85
N GLY A 77 -18.21 1.15 -17.12
CA GLY A 77 -19.46 0.64 -17.64
C GLY A 77 -20.52 1.71 -17.77
N LYS A 78 -21.76 1.26 -17.88
CA LYS A 78 -22.87 2.20 -18.09
C LYS A 78 -22.95 3.21 -16.95
N ARG A 79 -23.00 2.73 -15.71
CA ARG A 79 -23.18 3.63 -14.57
C ARG A 79 -22.09 4.71 -14.54
N MET A 80 -20.84 4.31 -14.75
CA MET A 80 -19.74 5.29 -14.71
C MET A 80 -19.82 6.22 -15.91
N ALA A 81 -20.17 5.69 -17.08
CA ALA A 81 -20.32 6.54 -18.26
C ALA A 81 -21.30 7.67 -18.01
N GLU A 82 -22.44 7.37 -17.38
CA GLU A 82 -23.47 8.38 -17.18
C GLU A 82 -23.00 9.49 -16.25
N LYS A 83 -22.16 9.17 -15.26
CA LYS A 83 -21.62 10.22 -14.40
C LYS A 83 -20.68 11.11 -15.21
N ILE A 84 -19.90 10.49 -16.11
CA ILE A 84 -18.99 11.25 -16.97
C ILE A 84 -19.77 12.22 -17.84
N ILE A 85 -20.76 11.69 -18.59
CA ILE A 85 -21.53 12.56 -19.50
C ILE A 85 -22.20 13.66 -18.70
N GLU A 86 -22.52 13.37 -17.43
CA GLU A 86 -23.06 14.42 -16.57
C GLU A 86 -21.99 15.45 -16.20
N ILE A 87 -20.78 15.02 -15.87
CA ILE A 87 -19.78 16.01 -15.48
C ILE A 87 -19.39 16.86 -16.70
N LEU A 88 -19.37 16.25 -17.88
CA LEU A 88 -19.03 17.01 -19.09
C LEU A 88 -20.10 18.03 -19.42
N GLU A 89 -21.36 17.59 -19.51
CA GLU A 89 -22.46 18.50 -19.86
C GLU A 89 -22.55 19.65 -18.86
N SER A 90 -22.73 19.32 -17.58
CA SER A 90 -23.12 20.29 -16.57
C SER A 90 -21.95 20.83 -15.75
N GLY A 91 -20.77 20.23 -15.86
CA GLY A 91 -19.62 20.66 -15.09
C GLY A 91 -19.64 20.25 -13.63
N HIS A 92 -20.79 19.89 -13.09
CA HIS A 92 -20.91 19.41 -11.72
C HIS A 92 -21.54 18.02 -11.72
N LEU A 93 -21.40 17.32 -10.60
CA LEU A 93 -21.96 15.99 -10.41
C LEU A 93 -22.86 16.03 -9.18
N ARG A 94 -24.14 15.69 -9.37
CA ARG A 94 -25.14 15.98 -8.36
C ARG A 94 -24.94 15.12 -7.10
N LYS A 95 -24.52 13.87 -7.27
CA LYS A 95 -24.43 12.96 -6.13
C LYS A 95 -23.45 13.46 -5.08
N LEU A 96 -22.47 14.27 -5.47
CA LEU A 96 -21.51 14.80 -4.51
C LEU A 96 -22.18 15.65 -3.45
N ASP A 97 -23.37 16.17 -3.73
CA ASP A 97 -24.11 16.91 -2.73
C ASP A 97 -25.06 16.04 -1.94
N HIS A 98 -24.94 14.72 -2.06
CA HIS A 98 -25.80 13.78 -1.33
C HIS A 98 -24.98 12.67 -0.70
N ILE A 99 -23.70 12.95 -0.40
CA ILE A 99 -22.90 12.04 0.39
C ILE A 99 -23.34 12.12 1.84
N SER A 100 -23.41 10.97 2.50
CA SER A 100 -23.78 10.93 3.91
C SER A 100 -22.94 11.95 4.69
N GLU A 101 -23.63 12.76 5.50
CA GLU A 101 -22.92 13.68 6.38
C GLU A 101 -21.99 12.96 7.36
N SER A 102 -22.16 11.65 7.53
CA SER A 102 -21.28 10.89 8.42
C SER A 102 -19.87 10.75 7.86
N VAL A 103 -19.68 10.96 6.55
CA VAL A 103 -18.43 10.57 5.91
C VAL A 103 -17.22 11.30 6.50
N PRO A 104 -17.26 12.63 6.69
CA PRO A 104 -16.05 13.29 7.24
C PRO A 104 -15.61 12.73 8.58
N VAL A 105 -16.54 12.49 9.51
CA VAL A 105 -16.17 11.90 10.79
C VAL A 105 -15.63 10.49 10.59
N LEU A 106 -16.28 9.70 9.73
CA LEU A 106 -15.77 8.36 9.45
C LEU A 106 -14.34 8.40 8.93
N GLU A 107 -14.03 9.38 8.08
CA GLU A 107 -12.67 9.54 7.60
C GLU A 107 -11.72 9.87 8.75
N LEU A 108 -12.13 10.80 9.62
CA LEU A 108 -11.33 11.13 10.79
C LEU A 108 -10.98 9.89 11.60
N PHE A 109 -11.99 9.06 11.90
CA PHE A 109 -11.76 7.91 12.78
C PHE A 109 -10.97 6.81 12.07
N SER A 110 -11.32 6.49 10.83
CA SER A 110 -10.59 5.42 10.14
C SER A 110 -9.18 5.82 9.75
N ASN A 111 -8.76 7.06 10.00
CA ASN A 111 -7.36 7.44 9.88
C ASN A 111 -6.57 7.15 11.15
N ILE A 112 -7.23 6.68 12.20
CA ILE A 112 -6.51 6.14 13.35
C ILE A 112 -5.95 4.78 12.95
N TRP A 113 -4.63 4.64 13.00
CA TRP A 113 -4.01 3.36 12.73
C TRP A 113 -4.56 2.31 13.69
N GLY A 114 -5.07 1.22 13.15
CA GLY A 114 -5.71 0.19 13.93
C GLY A 114 -7.22 0.23 13.92
N ALA A 115 -7.80 1.39 13.64
CA ALA A 115 -9.24 1.54 13.50
C ALA A 115 -9.61 1.54 12.02
N GLY A 116 -10.50 0.64 11.63
CA GLY A 116 -10.97 0.54 10.28
C GLY A 116 -12.39 1.05 10.11
N THR A 117 -13.06 0.56 9.07
CA THR A 117 -14.40 1.03 8.77
C THR A 117 -15.40 0.56 9.81
N LYS A 118 -15.28 -0.69 10.26
CA LYS A 118 -16.22 -1.21 11.24
C LYS A 118 -16.08 -0.51 12.57
N THR A 119 -14.84 -0.25 13.00
CA THR A 119 -14.64 0.50 14.24
C THR A 119 -15.11 1.94 14.10
N ALA A 120 -14.88 2.56 12.94
CA ALA A 120 -15.34 3.92 12.73
C ALA A 120 -16.87 4.00 12.76
N GLN A 121 -17.54 3.12 12.02
CA GLN A 121 -18.99 3.12 12.01
C GLN A 121 -19.57 2.93 13.41
N MET A 122 -18.90 2.13 14.24
CA MET A 122 -19.39 1.90 15.60
C MET A 122 -19.25 3.16 16.44
N TRP A 123 -18.06 3.76 16.45
CA TRP A 123 -17.86 5.01 17.19
C TRP A 123 -18.86 6.07 16.76
N TYR A 124 -19.13 6.18 15.45
CA TYR A 124 -20.11 7.15 14.99
C TYR A 124 -21.49 6.85 15.54
N GLN A 125 -21.89 5.58 15.53
CA GLN A 125 -23.20 5.20 16.05
C GLN A 125 -23.31 5.49 17.54
N GLN A 126 -22.21 5.27 18.28
CA GLN A 126 -22.20 5.56 19.71
C GLN A 126 -22.20 7.05 20.01
N GLY A 127 -22.03 7.90 19.00
CA GLY A 127 -22.17 9.34 19.16
C GLY A 127 -20.88 10.13 19.14
N PHE A 128 -19.73 9.48 18.97
CA PHE A 128 -18.47 10.21 18.91
C PHE A 128 -18.31 10.93 17.58
N ARG A 129 -17.76 12.15 17.64
CA ARG A 129 -17.63 13.01 16.47
C ARG A 129 -16.26 13.65 16.32
N SER A 130 -15.36 13.46 17.29
CA SER A 130 -14.06 14.11 17.23
C SER A 130 -13.03 13.24 17.93
N LEU A 131 -11.77 13.42 17.56
CA LEU A 131 -10.69 12.71 18.24
C LEU A 131 -10.71 13.01 19.73
N GLU A 132 -11.25 14.15 20.13
CA GLU A 132 -11.40 14.42 21.56
C GLU A 132 -12.35 13.42 22.20
N ASP A 133 -13.53 13.23 21.61
CA ASP A 133 -14.44 12.21 22.10
C ASP A 133 -13.77 10.83 22.16
N ILE A 134 -12.96 10.51 21.14
CA ILE A 134 -12.29 9.21 21.11
C ILE A 134 -11.31 9.09 22.27
N ARG A 135 -10.46 10.10 22.44
CA ARG A 135 -9.50 10.08 23.52
C ARG A 135 -10.17 9.79 24.85
N SER A 136 -11.30 10.43 25.09
CA SER A 136 -11.84 10.48 26.42
C SER A 136 -13.02 9.56 26.65
N GLN A 137 -13.56 8.90 25.61
CA GLN A 137 -14.64 7.95 25.89
C GLN A 137 -14.53 6.61 25.20
N ALA A 138 -13.80 6.48 24.10
CA ALA A 138 -13.74 5.21 23.39
C ALA A 138 -12.85 4.23 24.16
N SER A 139 -13.14 2.94 24.02
N SER A 139 -13.14 2.94 24.02
CA SER A 139 -12.25 1.89 24.48
CA SER A 139 -12.26 1.88 24.48
C SER A 139 -11.32 1.52 23.34
C SER A 139 -11.33 1.50 23.34
N LEU A 140 -10.03 1.74 23.52
CA LEU A 140 -9.07 1.62 22.44
C LEU A 140 -8.19 0.41 22.64
N THR A 141 -7.75 -0.18 21.54
CA THR A 141 -6.74 -1.23 21.59
C THR A 141 -5.35 -0.62 21.74
N THR A 142 -4.40 -1.47 22.08
CA THR A 142 -3.01 -1.01 22.20
C THR A 142 -2.55 -0.36 20.91
N GLN A 143 -2.96 -0.92 19.76
CA GLN A 143 -2.57 -0.34 18.47
C GLN A 143 -3.25 1.00 18.25
N GLN A 144 -4.57 1.06 18.47
CA GLN A 144 -5.30 2.29 18.24
C GLN A 144 -4.80 3.41 19.13
N ALA A 145 -4.35 3.10 20.35
CA ALA A 145 -3.83 4.13 21.23
C ALA A 145 -2.53 4.71 20.69
N ILE A 146 -1.63 3.86 20.20
CA ILE A 146 -0.42 4.35 19.55
C ILE A 146 -0.80 5.14 18.30
N GLY A 147 -1.69 4.57 17.49
CA GLY A 147 -2.14 5.30 16.31
C GLY A 147 -2.68 6.67 16.64
N LEU A 148 -3.52 6.74 17.66
CA LEU A 148 -4.08 8.03 18.06
C LEU A 148 -2.97 8.99 18.48
N LYS A 149 -2.00 8.49 19.26
CA LYS A 149 -0.94 9.34 19.78
C LYS A 149 -0.08 9.93 18.66
N HIS A 150 0.10 9.20 17.58
CA HIS A 150 0.87 9.67 16.42
C HIS A 150 -0.07 10.00 15.26
N TYR A 151 -1.25 10.53 15.56
CA TYR A 151 -2.26 10.74 14.53
C TYR A 151 -1.69 11.57 13.38
N SER A 152 -1.22 12.78 13.68
CA SER A 152 -0.68 13.64 12.64
C SER A 152 0.54 13.02 11.97
N ASP A 153 1.45 12.47 12.77
CA ASP A 153 2.71 11.97 12.21
C ASP A 153 2.45 10.88 11.17
N PHE A 154 1.52 9.96 11.46
CA PHE A 154 1.23 8.88 10.53
C PHE A 154 0.53 9.36 9.27
N LEU A 155 -0.08 10.54 9.29
CA LEU A 155 -0.65 11.14 8.08
C LEU A 155 0.37 11.95 7.29
N GLU A 156 1.56 12.17 7.84
CA GLU A 156 2.57 13.01 7.21
C GLU A 156 3.56 12.14 6.44
N ARG A 157 3.89 12.56 5.22
CA ARG A 157 4.94 11.91 4.43
C ARG A 157 6.27 12.59 4.69
N MET A 158 7.35 11.86 4.43
CA MET A 158 8.70 12.33 4.71
C MET A 158 9.50 12.45 3.42
N PRO A 159 10.50 13.32 3.39
CA PRO A 159 11.38 13.37 2.22
C PRO A 159 12.06 12.03 1.99
N ARG A 160 12.24 11.67 0.72
CA ARG A 160 12.91 10.41 0.44
C ARG A 160 14.32 10.40 1.00
N GLU A 161 14.91 11.57 1.26
CA GLU A 161 16.22 11.61 1.90
C GLU A 161 16.16 11.11 3.32
N GLU A 162 15.05 11.35 4.03
CA GLU A 162 14.92 10.83 5.39
C GLU A 162 14.70 9.32 5.39
N ALA A 163 13.99 8.80 4.38
CA ALA A 163 13.85 7.36 4.25
C ALA A 163 15.21 6.69 4.14
N THR A 164 16.12 7.30 3.37
CA THR A 164 17.46 6.74 3.21
C THR A 164 18.20 6.68 4.54
N GLU A 165 18.08 7.73 5.36
CA GLU A 165 18.67 7.70 6.69
C GLU A 165 18.08 6.55 7.51
N ILE A 166 16.76 6.38 7.47
CA ILE A 166 16.11 5.35 8.26
C ILE A 166 16.52 3.97 7.76
N GLU A 167 16.56 3.77 6.43
CA GLU A 167 17.02 2.50 5.89
C GLU A 167 18.46 2.24 6.29
N GLN A 168 19.31 3.27 6.26
CA GLN A 168 20.71 3.10 6.65
C GLN A 168 20.83 2.73 8.11
N THR A 169 20.05 3.37 8.98
CA THR A 169 20.06 2.98 10.39
C THR A 169 19.77 1.49 10.55
N VAL A 170 18.73 1.00 9.88
CA VAL A 170 18.38 -0.41 9.97
C VAL A 170 19.51 -1.28 9.41
N GLN A 171 20.03 -0.94 8.24
CA GLN A 171 21.05 -1.78 7.62
C GLN A 171 22.34 -1.85 8.45
N LYS A 172 22.77 -0.72 9.00
CA LYS A 172 23.97 -0.77 9.82
C LYS A 172 23.77 -1.65 11.04
N ALA A 173 22.60 -1.56 11.68
CA ALA A 173 22.34 -2.39 12.84
C ALA A 173 22.38 -3.85 12.43
N ALA A 174 21.62 -4.19 11.39
CA ALA A 174 21.54 -5.58 10.98
C ALA A 174 22.91 -6.10 10.54
N GLN A 175 23.55 -5.40 9.61
CA GLN A 175 24.84 -5.84 9.10
C GLN A 175 25.92 -5.82 10.19
N ALA A 176 25.68 -5.16 11.31
CA ALA A 176 26.64 -5.17 12.40
C ALA A 176 26.94 -6.58 12.87
N PHE A 177 25.90 -7.40 13.06
CA PHE A 177 26.08 -8.76 13.55
C PHE A 177 25.99 -9.81 12.44
N ASN A 178 25.84 -9.40 11.18
CA ASN A 178 26.02 -10.31 10.06
C ASN A 178 26.24 -9.45 8.82
N SER A 179 27.51 -9.28 8.44
CA SER A 179 27.85 -8.41 7.33
C SER A 179 27.30 -8.88 5.99
N GLY A 180 26.91 -10.16 5.89
CA GLY A 180 26.39 -10.68 4.63
C GLY A 180 24.94 -10.35 4.36
N LEU A 181 24.24 -9.76 5.34
CA LEU A 181 22.83 -9.43 5.14
C LEU A 181 22.71 -8.40 4.01
N LEU A 182 21.66 -8.57 3.20
CA LEU A 182 21.24 -7.57 2.23
C LEU A 182 20.00 -6.89 2.80
N CYS A 183 19.95 -5.57 2.71
CA CYS A 183 18.79 -4.80 3.11
C CYS A 183 18.40 -3.87 1.97
N VAL A 184 17.11 -3.81 1.69
CA VAL A 184 16.62 -3.02 0.58
C VAL A 184 15.39 -2.24 0.99
N ALA A 185 15.39 -0.96 0.68
CA ALA A 185 14.24 -0.10 0.89
C ALA A 185 13.28 -0.29 -0.27
N CYS A 186 12.02 -0.59 0.06
CA CYS A 186 11.03 -0.88 -0.98
C CYS A 186 9.94 0.19 -1.03
N GLY A 187 8.69 -0.24 -1.16
CA GLY A 187 7.56 0.68 -1.25
C GLY A 187 7.75 1.90 -2.12
N SER A 188 7.06 2.99 -1.80
CA SER A 188 7.13 4.18 -2.61
C SER A 188 8.57 4.62 -2.78
N TYR A 189 9.42 4.27 -1.83
CA TYR A 189 10.82 4.66 -1.95
C TYR A 189 11.45 4.05 -3.19
N ARG A 190 11.35 2.73 -3.34
CA ARG A 190 11.93 2.05 -4.49
C ARG A 190 11.22 2.41 -5.79
N ARG A 191 9.98 2.85 -5.72
CA ARG A 191 9.26 3.30 -6.91
C ARG A 191 9.64 4.72 -7.32
N GLY A 192 10.52 5.38 -6.58
CA GLY A 192 11.09 6.64 -7.00
C GLY A 192 10.38 7.89 -6.52
N LYS A 193 9.36 7.76 -5.68
CA LYS A 193 8.64 8.94 -5.23
C LYS A 193 9.56 9.87 -4.45
N ALA A 194 9.21 11.17 -4.45
CA ALA A 194 10.01 12.15 -3.73
C ALA A 194 9.72 12.11 -2.23
N THR A 195 8.50 11.73 -1.84
CA THR A 195 8.14 11.61 -0.44
C THR A 195 7.61 10.21 -0.17
N CYS A 196 7.79 9.76 1.07
CA CYS A 196 7.42 8.42 1.46
C CYS A 196 6.58 8.46 2.73
N GLY A 197 5.45 7.76 2.73
CA GLY A 197 4.62 7.70 3.91
C GLY A 197 5.24 6.91 5.04
N ASP A 198 6.03 5.90 4.72
CA ASP A 198 6.76 5.12 5.70
C ASP A 198 8.06 4.65 5.06
N VAL A 199 8.75 3.73 5.73
CA VAL A 199 9.96 3.11 5.18
C VAL A 199 9.77 1.61 5.25
N ASP A 200 9.87 0.94 4.11
CA ASP A 200 9.64 -0.49 3.98
C ASP A 200 10.98 -1.16 3.68
N VAL A 201 11.51 -1.90 4.65
CA VAL A 201 12.85 -2.48 4.55
C VAL A 201 12.73 -3.99 4.39
N LEU A 202 13.42 -4.51 3.38
N LEU A 202 13.43 -4.52 3.39
CA LEU A 202 13.46 -5.95 3.11
CA LEU A 202 13.47 -5.94 3.10
C LEU A 202 14.84 -6.47 3.47
C LEU A 202 14.85 -6.47 3.46
N ILE A 203 14.89 -7.51 4.29
CA ILE A 203 16.14 -8.11 4.74
C ILE A 203 16.15 -9.58 4.36
N THR A 204 17.30 -10.05 3.88
CA THR A 204 17.53 -11.46 3.61
C THR A 204 19.03 -11.70 3.66
N HIS A 205 19.42 -12.97 3.59
CA HIS A 205 20.82 -13.31 3.47
C HIS A 205 21.05 -14.19 2.25
N PRO A 206 21.99 -13.85 1.37
CA PRO A 206 22.14 -14.62 0.11
C PRO A 206 22.68 -16.03 0.31
N ASP A 207 23.03 -16.45 1.52
CA ASP A 207 23.46 -17.83 1.74
C ASP A 207 22.28 -18.77 1.95
N GLY A 208 21.05 -18.26 1.95
CA GLY A 208 19.87 -19.08 2.04
C GLY A 208 19.48 -19.51 3.44
N ARG A 209 20.27 -19.18 4.47
CA ARG A 209 19.97 -19.66 5.81
C ARG A 209 20.25 -18.65 6.92
N SER A 210 21.23 -17.75 6.77
CA SER A 210 21.62 -16.86 7.87
C SER A 210 20.60 -15.78 8.17
N HIS A 211 19.45 -15.78 7.50
CA HIS A 211 18.38 -14.83 7.81
C HIS A 211 17.61 -15.23 9.07
N ARG A 212 17.65 -16.50 9.45
CA ARG A 212 16.81 -16.99 10.53
C ARG A 212 17.27 -16.44 11.88
N GLY A 213 16.30 -16.06 12.73
CA GLY A 213 16.64 -15.59 14.07
C GLY A 213 17.51 -14.36 14.08
N ILE A 214 17.02 -13.30 13.44
CA ILE A 214 17.71 -12.01 13.46
C ILE A 214 16.79 -10.87 13.85
N PHE A 215 15.48 -10.99 13.69
CA PHE A 215 14.60 -10.00 14.28
C PHE A 215 14.99 -9.71 15.73
N SER A 216 15.15 -10.75 16.55
CA SER A 216 15.42 -10.50 17.95
C SER A 216 16.67 -9.66 18.10
N ARG A 217 17.79 -10.13 17.53
CA ARG A 217 19.03 -9.36 17.63
C ARG A 217 18.84 -7.93 17.08
N LEU A 218 18.21 -7.82 15.91
CA LEU A 218 18.07 -6.52 15.26
C LEU A 218 17.24 -5.56 16.12
N LEU A 219 16.09 -6.03 16.61
CA LEU A 219 15.19 -5.13 17.34
C LEU A 219 15.82 -4.66 18.66
N ASP A 220 16.48 -5.56 19.38
CA ASP A 220 17.16 -5.15 20.59
C ASP A 220 18.23 -4.12 20.29
N SER A 221 19.03 -4.38 19.24
CA SER A 221 20.03 -3.42 18.80
C SER A 221 19.39 -2.05 18.54
N LEU A 222 18.29 -2.04 17.78
CA LEU A 222 17.63 -0.78 17.46
C LEU A 222 16.88 -0.19 18.64
N ARG A 223 16.52 -1.00 19.64
CA ARG A 223 15.95 -0.44 20.85
C ARG A 223 17.03 0.07 21.79
N GLN A 224 18.19 -0.59 21.83
CA GLN A 224 19.29 -0.10 22.65
C GLN A 224 19.75 1.28 22.20
N GLU A 225 19.48 1.66 20.95
CA GLU A 225 19.86 2.97 20.43
C GLU A 225 18.76 4.02 20.61
N GLY A 226 17.59 3.63 21.15
CA GLY A 226 16.47 4.55 21.22
C GLY A 226 15.85 4.87 19.89
N PHE A 227 16.21 4.15 18.83
CA PHE A 227 15.70 4.47 17.50
C PHE A 227 14.22 4.14 17.39
N LEU A 228 13.77 3.05 17.99
CA LEU A 228 12.38 2.62 17.91
C LEU A 228 11.60 3.19 19.09
N THR A 229 10.47 3.83 18.80
CA THR A 229 9.68 4.52 19.80
C THR A 229 8.35 3.85 20.11
N ASP A 230 7.84 3.00 19.23
CA ASP A 230 6.60 2.28 19.47
C ASP A 230 6.56 1.08 18.54
N ASP A 231 5.87 0.03 18.97
CA ASP A 231 5.68 -1.17 18.17
C ASP A 231 4.20 -1.35 17.90
N LEU A 232 3.85 -1.52 16.63
CA LEU A 232 2.47 -1.75 16.23
C LEU A 232 2.17 -3.25 16.08
N VAL A 233 3.00 -3.96 15.32
CA VAL A 233 2.88 -5.41 15.17
C VAL A 233 4.28 -6.00 15.27
N SER A 234 4.47 -6.93 16.20
CA SER A 234 5.80 -7.53 16.39
C SER A 234 5.62 -8.80 17.23
N GLN A 235 5.33 -9.90 16.56
CA GLN A 235 5.19 -11.20 17.21
C GLN A 235 6.57 -11.82 17.38
N GLU A 236 7.14 -11.69 18.57
CA GLU A 236 8.52 -12.10 18.84
C GLU A 236 8.60 -13.04 20.03
N GLU A 237 7.65 -13.98 20.12
CA GLU A 237 7.72 -15.06 21.09
C GLU A 237 7.85 -16.42 20.42
N ASN A 238 7.07 -16.69 19.38
CA ASN A 238 7.13 -17.99 18.70
C ASN A 238 8.41 -18.18 17.89
N GLY A 239 9.09 -17.10 17.51
CA GLY A 239 10.30 -17.19 16.72
C GLY A 239 10.08 -17.37 15.24
N GLN A 240 8.83 -17.41 14.78
CA GLN A 240 8.53 -17.44 13.36
C GLN A 240 8.26 -16.05 12.81
N GLN A 241 8.86 -15.03 13.40
CA GLN A 241 8.56 -13.65 13.02
C GLN A 241 8.95 -13.38 11.57
N GLN A 242 7.97 -12.97 10.78
CA GLN A 242 8.24 -12.57 9.40
C GLN A 242 8.28 -11.06 9.22
N LYS A 243 7.45 -10.31 9.95
CA LYS A 243 7.35 -8.88 9.74
C LYS A 243 7.39 -8.14 11.08
N TYR A 244 7.69 -6.84 10.97
CA TYR A 244 7.64 -5.91 12.09
C TYR A 244 7.05 -4.61 11.59
N LEU A 245 6.11 -4.06 12.36
CA LEU A 245 5.55 -2.75 12.10
C LEU A 245 5.64 -1.93 13.39
N GLY A 246 6.20 -0.74 13.29
CA GLY A 246 6.37 0.10 14.45
C GLY A 246 6.63 1.54 14.08
N VAL A 247 7.26 2.25 15.00
CA VAL A 247 7.55 3.66 14.86
C VAL A 247 8.99 3.91 15.26
N CYS A 248 9.64 4.84 14.56
CA CYS A 248 11.00 5.22 14.86
C CYS A 248 11.15 6.74 14.75
N ARG A 249 12.30 7.24 15.17
CA ARG A 249 12.62 8.64 15.01
C ARG A 249 14.14 8.78 15.02
N LEU A 250 14.66 9.52 14.04
CA LEU A 250 16.09 9.73 13.96
C LEU A 250 16.53 10.69 15.07
N PRO A 251 17.77 10.59 15.51
CA PRO A 251 18.22 11.43 16.63
C PRO A 251 18.34 12.89 16.23
N GLY A 252 18.16 13.76 17.21
CA GLY A 252 18.43 15.17 17.04
C GLY A 252 17.20 16.03 16.98
N PRO A 253 17.40 17.32 16.74
CA PRO A 253 16.27 18.27 16.72
C PRO A 253 15.48 18.19 15.44
N GLY A 254 14.23 18.65 15.52
CA GLY A 254 13.37 18.74 14.35
C GLY A 254 13.08 17.43 13.67
N ARG A 255 13.05 16.33 14.40
CA ARG A 255 12.74 15.02 13.85
C ARG A 255 11.32 14.61 14.21
N ARG A 256 10.64 13.94 13.29
CA ARG A 256 9.29 13.46 13.48
C ARG A 256 9.30 11.94 13.65
N HIS A 257 8.21 11.42 14.21
CA HIS A 257 8.00 9.99 14.31
C HIS A 257 7.54 9.45 12.95
N ARG A 258 8.26 8.46 12.42
CA ARG A 258 7.98 7.88 11.12
C ARG A 258 7.63 6.40 11.27
N ARG A 259 6.73 5.93 10.39
CA ARG A 259 6.36 4.53 10.37
C ARG A 259 7.47 3.70 9.74
N LEU A 260 7.68 2.49 10.26
CA LEU A 260 8.75 1.61 9.81
C LEU A 260 8.21 0.19 9.74
N ASP A 261 8.34 -0.43 8.56
CA ASP A 261 7.98 -1.83 8.35
C ASP A 261 9.21 -2.60 7.92
N ILE A 262 9.45 -3.74 8.57
CA ILE A 262 10.57 -4.63 8.25
C ILE A 262 10.03 -6.03 8.02
N ILE A 263 10.57 -6.71 7.02
CA ILE A 263 10.26 -8.12 6.79
C ILE A 263 11.57 -8.85 6.50
N VAL A 264 11.71 -10.04 7.07
CA VAL A 264 12.85 -10.90 6.81
C VAL A 264 12.37 -12.10 6.01
N VAL A 265 13.13 -12.46 4.98
CA VAL A 265 12.71 -13.52 4.06
C VAL A 265 13.88 -14.41 3.73
N PRO A 266 13.61 -15.69 3.48
CA PRO A 266 14.66 -16.55 2.93
C PRO A 266 15.00 -16.14 1.52
N TYR A 267 16.27 -16.31 1.16
CA TYR A 267 16.74 -15.83 -0.13
C TYR A 267 15.95 -16.47 -1.27
N SER A 268 15.52 -17.71 -1.11
CA SER A 268 14.78 -18.39 -2.17
C SER A 268 13.52 -17.64 -2.57
N GLU A 269 13.00 -16.77 -1.71
CA GLU A 269 11.77 -16.02 -1.98
C GLU A 269 12.05 -14.54 -2.25
N PHE A 270 13.29 -14.19 -2.55
CA PHE A 270 13.68 -12.78 -2.62
C PHE A 270 12.86 -12.03 -3.66
N ALA A 271 12.81 -12.55 -4.89
CA ALA A 271 12.18 -11.80 -5.98
C ALA A 271 10.70 -11.56 -5.72
N CYS A 272 9.99 -12.59 -5.22
CA CYS A 272 8.58 -12.42 -4.93
C CYS A 272 8.38 -11.47 -3.76
N ALA A 273 9.16 -11.65 -2.69
CA ALA A 273 9.13 -10.70 -1.59
C ALA A 273 9.46 -9.29 -2.07
N LEU A 274 10.44 -9.17 -2.96
CA LEU A 274 10.80 -7.88 -3.50
C LEU A 274 9.66 -7.29 -4.33
N LEU A 275 8.99 -8.13 -5.11
CA LEU A 275 7.90 -7.67 -5.95
C LEU A 275 6.73 -7.17 -5.09
N TYR A 276 6.36 -7.95 -4.07
CA TYR A 276 5.23 -7.57 -3.22
C TYR A 276 5.50 -6.28 -2.47
N PHE A 277 6.70 -6.15 -1.89
CA PHE A 277 6.99 -5.00 -1.04
C PHE A 277 7.19 -3.73 -1.87
N THR A 278 7.54 -3.86 -3.14
CA THR A 278 7.76 -2.69 -3.96
C THR A 278 6.45 -2.10 -4.46
N GLY A 279 5.42 -2.91 -4.63
CA GLY A 279 4.13 -2.37 -5.00
C GLY A 279 4.15 -1.83 -6.43
N SER A 280 3.17 -0.97 -6.74
CA SER A 280 2.17 -0.50 -5.78
C SER A 280 1.18 -1.58 -5.37
N ALA A 281 0.28 -1.23 -4.46
CA ALA A 281 -0.73 -2.17 -4.01
C ALA A 281 -1.68 -2.55 -5.14
N HIS A 282 -2.18 -1.56 -5.88
CA HIS A 282 -3.04 -1.86 -7.00
C HIS A 282 -2.29 -2.60 -8.09
N PHE A 283 -1.00 -2.29 -8.27
CA PHE A 283 -0.19 -3.08 -9.20
C PHE A 283 -0.14 -4.55 -8.75
N ASN A 284 0.03 -4.79 -7.45
CA ASN A 284 0.10 -6.15 -6.94
C ASN A 284 -1.21 -6.89 -7.17
N ARG A 285 -2.34 -6.23 -6.85
CA ARG A 285 -3.64 -6.88 -7.01
C ARG A 285 -3.92 -7.16 -8.48
N SER A 286 -3.50 -6.27 -9.38
CA SER A 286 -3.64 -6.52 -10.80
C SER A 286 -2.81 -7.73 -11.23
N MET A 287 -1.52 -7.73 -10.90
CA MET A 287 -0.67 -8.84 -11.27
C MET A 287 -1.16 -10.15 -10.68
N ARG A 288 -1.54 -10.13 -9.39
CA ARG A 288 -2.02 -11.35 -8.75
C ARG A 288 -3.33 -11.81 -9.37
N ALA A 289 -4.21 -10.87 -9.73
CA ALA A 289 -5.43 -11.24 -10.43
C ALA A 289 -5.11 -11.84 -11.79
N LEU A 290 -4.05 -11.35 -12.45
CA LEU A 290 -3.66 -11.90 -13.75
C LEU A 290 -3.11 -13.32 -13.60
N ALA A 291 -2.38 -13.58 -12.53
CA ALA A 291 -1.84 -14.92 -12.32
C ALA A 291 -2.95 -15.94 -12.17
N LYS A 292 -4.00 -15.58 -11.44
CA LYS A 292 -5.12 -16.51 -11.22
C LYS A 292 -5.74 -16.94 -12.54
N THR A 293 -5.94 -15.99 -13.47
CA THR A 293 -6.55 -16.33 -14.74
C THR A 293 -5.67 -17.32 -15.51
N LYS A 294 -4.34 -17.18 -15.39
CA LYS A 294 -3.41 -18.10 -16.03
C LYS A 294 -3.17 -19.35 -15.19
N GLY A 295 -4.06 -19.66 -14.25
CA GLY A 295 -3.92 -20.86 -13.45
C GLY A 295 -2.73 -20.86 -12.52
N MET A 296 -2.26 -19.69 -12.10
CA MET A 296 -1.15 -19.57 -11.19
C MET A 296 -1.59 -18.80 -9.95
N SER A 297 -0.68 -18.67 -8.99
CA SER A 297 -1.00 -18.02 -7.73
C SER A 297 0.26 -17.29 -7.25
N LEU A 298 0.18 -15.97 -7.16
CA LEU A 298 1.32 -15.14 -6.78
C LEU A 298 1.11 -14.60 -5.36
N SER A 299 2.15 -14.71 -4.54
CA SER A 299 2.16 -14.17 -3.19
C SER A 299 3.54 -13.61 -2.91
N GLU A 300 3.71 -13.05 -1.71
CA GLU A 300 5.04 -12.62 -1.29
C GLU A 300 6.01 -13.78 -1.20
N HIS A 301 5.50 -15.02 -1.14
CA HIS A 301 6.36 -16.18 -0.96
C HIS A 301 6.80 -16.78 -2.29
N ALA A 302 5.91 -16.89 -3.28
CA ALA A 302 6.27 -17.58 -4.50
C ALA A 302 5.20 -17.37 -5.57
N LEU A 303 5.60 -17.63 -6.81
CA LEU A 303 4.67 -17.84 -7.92
C LEU A 303 4.53 -19.35 -8.10
N SER A 304 3.30 -19.83 -8.04
CA SER A 304 3.04 -21.27 -8.10
C SER A 304 1.82 -21.52 -8.98
N THR A 305 1.64 -22.79 -9.33
CA THR A 305 0.48 -23.22 -10.10
C THR A 305 -0.68 -23.55 -9.17
N ALA A 306 -1.88 -23.57 -9.74
CA ALA A 306 -3.06 -23.88 -8.96
C ALA A 306 -2.91 -25.23 -8.28
N VAL A 307 -3.64 -25.41 -7.18
CA VAL A 307 -3.47 -26.56 -6.29
C VAL A 307 -4.32 -27.73 -6.77
N VAL A 308 -4.11 -28.91 -6.17
CA VAL A 308 -4.79 -30.13 -6.55
C VAL A 308 -6.07 -30.26 -5.73
N ARG A 309 -7.20 -30.40 -6.42
CA ARG A 309 -8.51 -30.50 -5.78
C ARG A 309 -8.49 -31.47 -4.59
N PRO A 318 -1.85 -28.64 -3.49
CA PRO A 318 -0.42 -28.35 -3.49
C PRO A 318 0.17 -28.24 -4.90
N GLY A 319 0.33 -27.01 -5.40
CA GLY A 319 0.83 -26.79 -6.74
C GLY A 319 2.34 -26.67 -6.80
N ARG A 320 2.85 -26.73 -8.02
CA ARG A 320 4.28 -26.56 -8.23
C ARG A 320 4.67 -25.10 -8.02
N VAL A 321 5.89 -24.89 -7.53
CA VAL A 321 6.45 -23.55 -7.36
C VAL A 321 7.33 -23.25 -8.56
N LEU A 322 7.01 -22.19 -9.29
CA LEU A 322 7.77 -21.87 -10.48
C LEU A 322 9.08 -21.19 -10.11
N PRO A 323 10.12 -21.37 -10.92
CA PRO A 323 11.44 -20.78 -10.60
C PRO A 323 11.48 -19.30 -10.90
N THR A 324 11.73 -18.50 -9.85
CA THR A 324 11.68 -17.04 -9.94
C THR A 324 12.87 -16.44 -9.21
N PRO A 325 14.07 -16.53 -9.80
CA PRO A 325 15.25 -15.93 -9.15
C PRO A 325 15.31 -14.41 -9.25
N THR A 326 14.56 -13.79 -10.15
CA THR A 326 14.53 -12.34 -10.25
C THR A 326 13.11 -11.89 -10.59
N GLU A 327 12.83 -10.62 -10.28
CA GLU A 327 11.56 -10.03 -10.68
C GLU A 327 11.28 -10.28 -12.15
N LYS A 328 12.31 -10.17 -12.99
CA LYS A 328 12.13 -10.33 -14.43
C LYS A 328 11.41 -11.64 -14.75
N ASP A 329 11.78 -12.72 -14.05
CA ASP A 329 11.19 -14.03 -14.35
C ASP A 329 9.72 -14.08 -14.03
N VAL A 330 9.26 -13.34 -13.00
CA VAL A 330 7.84 -13.33 -12.69
C VAL A 330 7.07 -12.61 -13.79
N PHE A 331 7.60 -11.50 -14.28
CA PHE A 331 7.00 -10.85 -15.44
C PHE A 331 6.95 -11.78 -16.64
N ARG A 332 8.05 -12.49 -16.89
CA ARG A 332 8.13 -13.35 -18.07
C ARG A 332 7.15 -14.51 -17.99
N LEU A 333 6.99 -15.11 -16.81
CA LEU A 333 6.10 -16.25 -16.68
C LEU A 333 4.63 -15.84 -16.78
N LEU A 334 4.31 -14.58 -16.50
CA LEU A 334 2.95 -14.08 -16.65
C LEU A 334 2.69 -13.42 -18.00
N GLY A 335 3.66 -13.50 -18.92
CA GLY A 335 3.48 -12.91 -20.24
C GLY A 335 3.44 -11.40 -20.25
N LEU A 336 4.14 -10.74 -19.31
CA LEU A 336 4.11 -9.30 -19.20
C LEU A 336 5.46 -8.71 -19.60
N PRO A 337 5.48 -7.54 -20.27
CA PRO A 337 6.72 -6.78 -20.38
C PRO A 337 7.18 -6.30 -19.02
N TYR A 338 8.49 -6.33 -18.79
CA TYR A 338 9.03 -5.90 -17.52
C TYR A 338 8.76 -4.42 -17.29
N ARG A 339 8.64 -4.04 -16.03
CA ARG A 339 8.47 -2.65 -15.62
C ARG A 339 9.48 -2.33 -14.53
N GLU A 340 10.23 -1.25 -14.72
N GLU A 340 10.25 -1.26 -14.72
CA GLU A 340 11.05 -0.76 -13.62
CA GLU A 340 11.01 -0.71 -13.63
C GLU A 340 10.13 -0.32 -12.47
C GLU A 340 10.08 -0.39 -12.46
N PRO A 341 10.57 -0.47 -11.23
CA PRO A 341 9.68 -0.16 -10.08
C PRO A 341 8.96 1.17 -10.21
N ALA A 342 9.61 2.18 -10.80
CA ALA A 342 8.97 3.47 -10.98
C ALA A 342 7.75 3.39 -11.91
N GLU A 343 7.69 2.38 -12.78
CA GLU A 343 6.58 2.21 -13.69
C GLU A 343 5.45 1.35 -13.12
N ARG A 344 5.57 0.93 -11.86
CA ARG A 344 4.54 0.14 -11.19
C ARG A 344 3.71 0.99 -10.23
N ASP A 345 3.70 2.30 -10.41
CA ASP A 345 3.05 3.21 -9.46
C ASP A 345 1.59 3.44 -9.84
N TRP A 346 0.82 2.36 -9.74
CA TRP A 346 -0.61 2.41 -10.02
C TRP A 346 -1.41 2.65 -8.75
MG MG F . 5.00 0.11 4.89
MG MG G . 5.51 2.44 2.00
NA NA H . -6.98 3.26 10.24
NA NA I . -16.23 -1.09 -20.43
CL CL J . -6.71 -4.53 -13.23
CL CL K . 15.61 -9.35 -8.61
O11 PPV L . 4.07 4.14 2.02
P1 PPV L . 3.44 4.96 0.91
O21 PPV L . 2.09 5.46 1.36
O31 PPV L . 4.34 6.15 0.62
OPP PPV L . 3.23 4.03 -0.44
P2 PPV L . 3.57 2.42 -0.51
O12 PPV L . 4.99 2.20 -0.03
O22 PPV L . 3.41 1.89 -1.91
O32 PPV L . 2.63 1.66 0.40
S SO4 M . -1.49 9.71 -10.25
O1 SO4 M . -2.00 8.37 -10.54
O2 SO4 M . -2.16 10.67 -11.14
O3 SO4 M . -1.78 10.05 -8.85
O4 SO4 M . -0.06 9.74 -10.47
C1 EDO N . 9.73 13.21 23.28
O1 EDO N . 9.65 14.57 22.85
C2 EDO N . 8.54 12.43 22.73
O2 EDO N . 8.96 11.12 22.32
#